data_4E4U
#
_entry.id   4E4U
#
_cell.length_a   118.835
_cell.length_b   118.835
_cell.length_c   120.839
_cell.angle_alpha   90.00
_cell.angle_beta   90.00
_cell.angle_gamma   90.00
#
_symmetry.space_group_name_H-M   'I 4 2 2'
#
loop_
_entity.id
_entity.type
_entity.pdbx_description
1 polymer 'Mandalate racemase/muconate lactonizing enzyme'
2 non-polymer (2R,3S)-1,4-DIMERCAPTOBUTANE-2,3-DIOL
3 water water
#
_entity_poly.entity_id   1
_entity_poly.type   'polypeptide(L)'
_entity_poly.pdbx_seq_one_letter_code
;MKIVSLETHIVAVPPPHVGGMYWIFVKLKTDDGIEGVGEIYSATFGPKAMAPIIDDVFERHLLNRDPHHVERLFRQAYSS
GFTQRPDLTMMGVVSGLEMACWDIIGKAAAKPVYELLGGRIHERLRSYTYLYPKNAKGEYDYDDPDLAAECAAENVKLGF
TAVKFDPAGPYTAYSGHQLSLEVLDRCELFCRRVREAVGSKADLLFGTHGQMVPSSAIRLAKRLEKYDPLWFEEPVPPGQ
EEAIAQVAKHTSIPIATGERLTTKYEFHKLLQAGGASILQLNVARVGGLLEAKKIATLAEVHYAQIAPHLYNGPVGAAAS
IQLATCTPNFLIQESIMTWGGFHAEVVKTPIRWEDGYIIPSNEPGLGIELDMDVVKRHTPYTGERLHLQMGEHPVDVKDL
APAKGAENLYFQ
;
_entity_poly.pdbx_strand_id   A
#
# COMPACT_ATOMS: atom_id res chain seq x y z
N MET A 1 8.77 22.66 -21.67
CA MET A 1 9.29 21.81 -20.60
C MET A 1 9.21 20.34 -20.97
N LYS A 2 10.31 19.61 -20.80
CA LYS A 2 10.28 18.18 -21.10
C LYS A 2 11.22 17.36 -20.22
N ILE A 3 10.89 16.08 -20.04
CA ILE A 3 11.72 15.17 -19.27
C ILE A 3 12.89 14.72 -20.13
N VAL A 4 14.11 14.88 -19.63
CA VAL A 4 15.28 14.54 -20.44
C VAL A 4 16.12 13.40 -19.88
N SER A 5 15.89 13.04 -18.61
CA SER A 5 16.71 11.99 -18.01
C SER A 5 16.04 11.28 -16.84
N LEU A 6 16.51 10.06 -16.60
CA LEU A 6 16.02 9.20 -15.53
C LEU A 6 17.19 8.59 -14.79
N GLU A 7 17.07 8.50 -13.46
CA GLU A 7 17.94 7.66 -12.65
C GLU A 7 17.07 6.72 -11.85
N THR A 8 17.47 5.45 -11.77
CA THR A 8 16.79 4.47 -10.94
C THR A 8 17.65 4.10 -9.74
N HIS A 9 17.06 4.13 -8.56
CA HIS A 9 17.77 3.78 -7.34
C HIS A 9 16.97 2.74 -6.58
N ILE A 10 17.49 1.51 -6.54
CA ILE A 10 16.82 0.44 -5.83
C ILE A 10 17.55 0.22 -4.51
N VAL A 11 16.94 0.71 -3.44
CA VAL A 11 17.59 0.78 -2.13
C VAL A 11 17.29 -0.46 -1.30
N ALA A 12 18.34 -1.03 -0.72
CA ALA A 12 18.19 -2.16 0.19
C ALA A 12 17.72 -1.67 1.55
N VAL A 13 16.59 -2.17 2.02
CA VAL A 13 16.07 -1.81 3.33
C VAL A 13 16.83 -2.61 4.40
N PRO A 14 17.43 -1.94 5.39
CA PRO A 14 18.21 -2.69 6.38
C PRO A 14 17.34 -3.67 7.19
N PRO A 15 17.95 -4.76 7.69
CA PRO A 15 17.20 -5.63 8.60
C PRO A 15 16.68 -4.81 9.78
N PRO A 16 15.49 -5.16 10.31
CA PRO A 16 14.64 -6.31 10.00
C PRO A 16 13.67 -6.10 8.83
N HIS A 17 14.00 -5.21 7.90
CA HIS A 17 13.25 -5.05 6.64
C HIS A 17 11.81 -4.57 6.84
N VAL A 18 11.62 -3.56 7.68
CA VAL A 18 10.27 -3.01 7.85
C VAL A 18 9.89 -2.20 6.60
N GLY A 19 8.82 -2.62 5.95
CA GLY A 19 8.45 -2.04 4.68
C GLY A 19 9.00 -2.81 3.50
N GLY A 20 9.57 -3.99 3.78
CA GLY A 20 9.99 -4.89 2.72
C GLY A 20 11.49 -4.95 2.48
N MET A 21 11.90 -5.68 1.46
CA MET A 21 13.31 -5.92 1.19
C MET A 21 14.02 -4.77 0.48
N TYR A 22 13.32 -4.08 -0.41
CA TYR A 22 13.94 -3.00 -1.18
C TYR A 22 12.87 -2.05 -1.65
N TRP A 23 13.26 -0.80 -1.89
CA TRP A 23 12.38 0.21 -2.44
C TRP A 23 12.92 0.69 -3.77
N ILE A 24 12.02 0.82 -4.75
CA ILE A 24 12.40 1.20 -6.10
C ILE A 24 12.07 2.65 -6.35
N PHE A 25 13.09 3.50 -6.44
CA PHE A 25 12.88 4.92 -6.67
C PHE A 25 13.30 5.33 -8.08
N VAL A 26 12.61 6.29 -8.65
CA VAL A 26 13.02 6.89 -9.91
C VAL A 26 13.15 8.40 -9.73
N LYS A 27 14.19 8.98 -10.34
CA LYS A 27 14.38 10.43 -10.34
C LYS A 27 14.38 10.94 -11.77
N LEU A 28 13.52 11.90 -12.04
CA LEU A 28 13.43 12.50 -13.37
C LEU A 28 13.97 13.92 -13.34
N LYS A 29 14.60 14.34 -14.42
CA LYS A 29 15.01 15.72 -14.54
C LYS A 29 14.49 16.31 -15.84
N THR A 30 14.09 17.58 -15.79
CA THR A 30 13.61 18.28 -16.97
C THR A 30 14.74 19.05 -17.65
N ASP A 31 14.47 19.53 -18.86
CA ASP A 31 15.44 20.30 -19.62
C ASP A 31 15.79 21.63 -18.96
N ASP A 32 14.92 22.15 -18.10
CA ASP A 32 15.23 23.38 -17.39
C ASP A 32 15.54 23.15 -15.90
N GLY A 33 15.86 21.91 -15.57
CA GLY A 33 16.48 21.61 -14.30
C GLY A 33 15.57 21.28 -13.12
N ILE A 34 14.28 21.04 -13.36
CA ILE A 34 13.40 20.65 -12.27
C ILE A 34 13.50 19.15 -12.05
N GLU A 35 13.64 18.73 -10.79
CA GLU A 35 13.77 17.32 -10.45
C GLU A 35 12.49 16.80 -9.84
N GLY A 36 12.10 15.58 -10.21
CA GLY A 36 10.97 14.91 -9.58
C GLY A 36 11.35 13.52 -9.15
N VAL A 37 10.74 13.04 -8.06
CA VAL A 37 11.03 11.70 -7.57
C VAL A 37 9.75 10.88 -7.47
N GLY A 38 9.86 9.57 -7.71
CA GLY A 38 8.73 8.67 -7.62
C GLY A 38 9.14 7.32 -7.10
N GLU A 39 8.15 6.48 -6.81
CA GLU A 39 8.39 5.14 -6.30
C GLU A 39 7.52 4.15 -7.06
N ILE A 40 8.08 2.97 -7.31
CA ILE A 40 7.43 1.91 -8.05
C ILE A 40 7.13 0.74 -7.11
N TYR A 41 5.89 0.25 -7.13
CA TYR A 41 5.51 -0.90 -6.30
C TYR A 41 5.22 -2.06 -7.23
N SER A 42 6.18 -2.98 -7.35
CA SER A 42 6.04 -4.12 -8.23
C SER A 42 7.12 -5.13 -7.91
N ALA A 43 6.71 -6.36 -7.64
CA ALA A 43 7.68 -7.40 -7.29
C ALA A 43 7.39 -8.74 -7.96
N THR A 44 6.64 -8.71 -9.06
CA THR A 44 6.50 -9.92 -9.88
C THR A 44 7.88 -10.46 -10.25
N PHE A 45 8.76 -9.53 -10.64
CA PHE A 45 10.15 -9.84 -11.00
C PHE A 45 11.07 -9.08 -10.06
N GLY A 46 12.27 -9.63 -9.85
CA GLY A 46 13.26 -9.05 -8.95
C GLY A 46 13.92 -7.79 -9.48
N PRO A 47 14.65 -7.08 -8.62
N PRO A 47 14.70 -7.11 -8.63
CA PRO A 47 15.26 -5.80 -8.97
CA PRO A 47 15.35 -5.83 -8.93
C PRO A 47 16.27 -5.86 -10.14
C PRO A 47 16.25 -5.87 -10.14
N LYS A 48 16.90 -7.00 -10.38
CA LYS A 48 17.80 -7.14 -11.53
C LYS A 48 17.05 -7.03 -12.86
N ALA A 49 15.80 -7.48 -12.86
CA ALA A 49 14.96 -7.33 -14.03
C ALA A 49 14.29 -5.95 -14.06
N MET A 50 13.96 -5.41 -12.88
CA MET A 50 13.25 -4.15 -12.82
C MET A 50 14.05 -2.98 -13.40
N ALA A 51 15.36 -2.98 -13.21
CA ALA A 51 16.17 -1.88 -13.73
C ALA A 51 16.08 -1.73 -15.27
N PRO A 52 16.31 -2.81 -16.05
CA PRO A 52 16.12 -2.63 -17.49
C PRO A 52 14.67 -2.45 -17.91
N ILE A 53 13.70 -2.97 -17.15
CA ILE A 53 12.30 -2.71 -17.45
C ILE A 53 12.03 -1.21 -17.38
N ILE A 54 12.50 -0.58 -16.30
CA ILE A 54 12.24 0.85 -16.10
C ILE A 54 12.88 1.67 -17.21
N ASP A 55 14.12 1.33 -17.59
CA ASP A 55 14.78 2.01 -18.70
C ASP A 55 13.94 1.91 -19.98
N ASP A 56 13.40 0.72 -20.22
CA ASP A 56 12.64 0.48 -21.44
C ASP A 56 11.37 1.34 -21.49
N VAL A 57 10.62 1.34 -20.38
CA VAL A 57 9.38 2.11 -20.33
C VAL A 57 9.67 3.60 -20.49
N PHE A 58 10.70 4.08 -19.78
CA PHE A 58 11.07 5.47 -19.84
C PHE A 58 11.45 5.90 -21.26
N GLU A 59 12.32 5.13 -21.89
CA GLU A 59 12.76 5.46 -23.24
C GLU A 59 11.61 5.51 -24.24
N ARG A 60 10.71 4.53 -24.18
CA ARG A 60 9.64 4.44 -25.15
C ARG A 60 8.53 5.44 -24.92
N HIS A 61 8.22 5.71 -23.66
CA HIS A 61 6.94 6.36 -23.34
C HIS A 61 7.04 7.69 -22.60
N LEU A 62 8.23 8.12 -22.17
CA LEU A 62 8.34 9.37 -21.40
C LEU A 62 9.49 10.28 -21.83
N LEU A 63 10.62 9.70 -22.23
CA LEU A 63 11.76 10.51 -22.64
C LEU A 63 11.35 11.56 -23.67
N ASN A 64 11.72 12.82 -23.38
CA ASN A 64 11.44 13.98 -24.23
C ASN A 64 9.99 14.44 -24.28
N ARG A 65 9.19 13.97 -23.34
CA ARG A 65 7.78 14.36 -23.25
CA ARG A 65 7.78 14.38 -23.26
C ARG A 65 7.56 15.39 -22.13
N ASP A 66 6.47 16.14 -22.25
CA ASP A 66 6.11 17.14 -21.23
C ASP A 66 5.59 16.43 -19.98
N PRO A 67 6.16 16.72 -18.80
CA PRO A 67 5.67 16.07 -17.57
C PRO A 67 4.19 16.35 -17.26
N HIS A 68 3.63 17.43 -17.79
CA HIS A 68 2.22 17.71 -17.56
C HIS A 68 1.28 16.71 -18.22
N HIS A 69 1.80 15.94 -19.18
CA HIS A 69 0.95 15.10 -20.01
C HIS A 69 0.77 13.71 -19.43
N VAL A 70 0.13 13.66 -18.27
CA VAL A 70 0.01 12.43 -17.51
C VAL A 70 -1.05 11.47 -18.07
N GLU A 71 -2.11 12.02 -18.68
CA GLU A 71 -3.05 11.17 -19.42
C GLU A 71 -2.32 10.45 -20.55
N ARG A 72 -1.53 11.21 -21.30
CA ARG A 72 -0.75 10.66 -22.40
C ARG A 72 0.17 9.56 -21.89
N LEU A 73 0.92 9.86 -20.85
CA LEU A 73 1.83 8.88 -20.28
C LEU A 73 1.12 7.59 -19.89
N PHE A 74 0.02 7.71 -19.15
CA PHE A 74 -0.73 6.52 -18.76
C PHE A 74 -1.19 5.73 -19.98
N ARG A 75 -1.82 6.41 -20.95
CA ARG A 75 -2.34 5.71 -22.12
C ARG A 75 -1.24 5.02 -22.91
N GLN A 76 -0.09 5.67 -23.06
CA GLN A 76 1.00 5.05 -23.81
C GLN A 76 1.51 3.80 -23.09
N ALA A 77 1.70 3.91 -21.79
CA ALA A 77 2.20 2.76 -21.02
C ALA A 77 1.19 1.62 -21.00
N TYR A 78 -0.07 1.97 -20.74
CA TYR A 78 -1.17 1.01 -20.70
C TYR A 78 -1.34 0.25 -22.01
N SER A 79 -0.98 0.90 -23.12
CA SER A 79 -1.20 0.34 -24.45
C SER A 79 0.04 -0.37 -25.03
N SER A 80 1.17 -0.22 -24.33
CA SER A 80 2.48 -0.65 -24.82
C SER A 80 2.50 -2.06 -25.40
N GLY A 81 2.99 -2.19 -26.63
CA GLY A 81 3.15 -3.50 -27.25
C GLY A 81 1.85 -4.16 -27.66
N PHE A 82 0.82 -3.36 -27.93
CA PHE A 82 -0.51 -3.86 -28.27
C PHE A 82 -1.06 -4.68 -27.10
N THR A 83 -1.17 -4.00 -25.96
CA THR A 83 -1.76 -4.61 -24.78
C THR A 83 -3.08 -3.90 -24.49
N GLN A 84 -3.04 -2.76 -23.81
CA GLN A 84 -4.25 -1.96 -23.56
C GLN A 84 -5.24 -2.74 -22.69
N ARG A 85 -4.66 -3.56 -21.81
CA ARG A 85 -5.33 -4.08 -20.62
C ARG A 85 -4.24 -4.09 -19.55
N PRO A 86 -4.60 -4.19 -18.28
CA PRO A 86 -3.55 -3.99 -17.26
C PRO A 86 -2.41 -5.00 -17.32
N ASP A 87 -1.18 -4.50 -17.40
CA ASP A 87 0.02 -5.30 -17.17
C ASP A 87 0.57 -4.82 -15.83
N LEU A 88 0.53 -5.71 -14.84
CA LEU A 88 0.77 -5.32 -13.45
C LEU A 88 2.13 -4.64 -13.24
N THR A 89 3.19 -5.19 -13.82
CA THR A 89 4.50 -4.58 -13.66
C THR A 89 4.57 -3.24 -14.36
N MET A 90 4.01 -3.15 -15.56
CA MET A 90 4.01 -1.89 -16.30
C MET A 90 3.28 -0.82 -15.51
N MET A 91 2.16 -1.19 -14.90
CA MET A 91 1.42 -0.22 -14.13
C MET A 91 2.20 0.27 -12.91
N GLY A 92 2.93 -0.61 -12.24
CA GLY A 92 3.83 -0.18 -11.18
C GLY A 92 4.87 0.81 -11.68
N VAL A 93 5.50 0.48 -12.80
CA VAL A 93 6.52 1.35 -13.37
C VAL A 93 5.96 2.72 -13.74
N VAL A 94 4.84 2.74 -14.45
CA VAL A 94 4.29 4.03 -14.85
C VAL A 94 3.80 4.83 -13.64
N SER A 95 3.39 4.15 -12.57
CA SER A 95 2.98 4.86 -11.35
C SER A 95 4.13 5.71 -10.82
N GLY A 96 5.33 5.13 -10.79
CA GLY A 96 6.50 5.83 -10.29
C GLY A 96 6.86 6.99 -11.20
N LEU A 97 6.86 6.75 -12.50
CA LEU A 97 7.19 7.81 -13.46
C LEU A 97 6.17 8.93 -13.39
N GLU A 98 4.89 8.58 -13.29
CA GLU A 98 3.82 9.57 -13.30
C GLU A 98 3.86 10.43 -12.03
N MET A 99 4.10 9.82 -10.87
CA MET A 99 4.09 10.61 -9.66
C MET A 99 5.31 11.54 -9.62
N ALA A 100 6.42 11.11 -10.23
CA ALA A 100 7.59 11.97 -10.38
C ALA A 100 7.24 13.16 -11.29
N CYS A 101 6.44 12.91 -12.32
CA CYS A 101 5.94 14.00 -13.15
C CYS A 101 5.09 14.98 -12.32
N TRP A 102 4.21 14.47 -11.47
CA TRP A 102 3.42 15.34 -10.60
C TRP A 102 4.31 16.16 -9.65
N ASP A 103 5.36 15.55 -9.14
CA ASP A 103 6.33 16.25 -8.29
C ASP A 103 6.85 17.47 -9.07
N ILE A 104 7.23 17.27 -10.32
CA ILE A 104 7.68 18.35 -11.21
C ILE A 104 6.59 19.39 -11.51
N ILE A 105 5.38 18.92 -11.81
CA ILE A 105 4.26 19.82 -12.06
C ILE A 105 4.03 20.74 -10.86
N GLY A 106 4.02 20.16 -9.66
CA GLY A 106 3.83 20.95 -8.44
C GLY A 106 4.96 21.92 -8.19
N LYS A 107 6.20 21.48 -8.43
CA LYS A 107 7.33 22.38 -8.24
C LYS A 107 7.26 23.55 -9.22
N ALA A 108 6.89 23.27 -10.45
CA ALA A 108 6.80 24.33 -11.46
C ALA A 108 5.71 25.34 -11.10
N ALA A 109 4.61 24.84 -10.53
CA ALA A 109 3.49 25.69 -10.13
C ALA A 109 3.69 26.31 -8.74
N ALA A 110 4.73 25.86 -8.03
CA ALA A 110 4.96 26.22 -6.63
C ALA A 110 3.74 25.88 -5.74
N LYS A 111 3.17 24.70 -5.96
CA LYS A 111 2.05 24.21 -5.15
C LYS A 111 2.25 22.74 -4.79
N PRO A 112 1.76 22.33 -3.61
CA PRO A 112 1.64 20.88 -3.35
C PRO A 112 0.74 20.27 -4.42
N VAL A 113 0.99 19.01 -4.76
CA VAL A 113 0.16 18.32 -5.73
C VAL A 113 -1.30 18.29 -5.29
N TYR A 114 -1.56 18.17 -3.99
CA TYR A 114 -2.95 18.14 -3.54
C TYR A 114 -3.72 19.44 -3.85
N GLU A 115 -3.00 20.54 -4.06
CA GLU A 115 -3.67 21.78 -4.46
C GLU A 115 -4.03 21.84 -5.94
N LEU A 116 -3.56 20.84 -6.69
CA LEU A 116 -3.86 20.76 -8.12
C LEU A 116 -4.82 19.62 -8.46
N LEU A 117 -4.97 18.67 -7.53
CA LEU A 117 -5.84 17.51 -7.76
C LEU A 117 -7.14 17.59 -6.97
N GLY A 118 -7.56 18.81 -6.63
CA GLY A 118 -8.84 19.01 -5.97
C GLY A 118 -8.76 19.92 -4.77
N GLY A 119 -7.56 20.13 -4.25
CA GLY A 119 -7.37 21.04 -3.14
C GLY A 119 -7.49 20.36 -1.79
N ARG A 120 -6.84 20.95 -0.79
CA ARG A 120 -6.90 20.41 0.56
C ARG A 120 -8.33 20.26 1.06
N ILE A 121 -8.60 19.10 1.65
CA ILE A 121 -9.81 18.87 2.43
C ILE A 121 -9.43 18.65 3.89
N HIS A 122 -8.38 17.88 4.10
CA HIS A 122 -7.99 17.45 5.44
C HIS A 122 -6.78 18.21 5.94
N GLU A 123 -6.87 18.69 7.18
CA GLU A 123 -5.73 19.31 7.82
C GLU A 123 -4.75 18.26 8.32
N ARG A 124 -5.27 17.09 8.68
CA ARG A 124 -4.42 15.96 9.06
C ARG A 124 -5.12 14.67 8.67
N LEU A 125 -4.35 13.59 8.59
CA LEU A 125 -4.86 12.34 8.04
C LEU A 125 -4.84 11.24 9.09
N ARG A 126 -6.01 10.70 9.40
CA ARG A 126 -6.08 9.55 10.30
C ARG A 126 -5.20 8.44 9.76
N SER A 127 -4.43 7.80 10.64
N SER A 127 -4.43 7.80 10.64
CA SER A 127 -3.53 6.74 10.19
CA SER A 127 -3.53 6.74 10.19
C SER A 127 -3.65 5.48 11.05
C SER A 127 -3.65 5.48 11.06
N TYR A 128 -3.09 4.39 10.56
CA TYR A 128 -3.01 3.17 11.33
C TYR A 128 -1.66 2.53 11.09
N THR A 129 -1.29 1.57 11.93
CA THR A 129 -0.12 0.75 11.65
C THR A 129 -0.40 -0.72 11.91
N TYR A 130 0.33 -1.58 11.21
CA TYR A 130 0.45 -2.97 11.62
C TYR A 130 1.06 -3.01 13.01
N LEU A 131 0.71 -4.04 13.76
CA LEU A 131 1.36 -4.31 15.03
C LEU A 131 2.70 -5.00 14.76
N TYR A 132 3.76 -4.50 15.38
CA TYR A 132 5.09 -5.10 15.26
C TYR A 132 5.62 -5.55 16.62
N PRO A 133 4.99 -6.58 17.22
CA PRO A 133 5.38 -7.00 18.56
C PRO A 133 6.69 -7.78 18.51
N LYS A 134 7.55 -7.60 19.50
CA LYS A 134 8.80 -8.35 19.56
C LYS A 134 8.78 -9.37 20.68
N ASN A 135 9.32 -10.56 20.41
CA ASN A 135 9.53 -11.56 21.46
C ASN A 135 10.76 -11.23 22.30
N ALA A 136 11.09 -12.09 23.26
CA ALA A 136 12.20 -11.83 24.16
C ALA A 136 13.55 -11.76 23.46
N LYS A 137 13.66 -12.43 22.31
CA LYS A 137 14.91 -12.41 21.53
C LYS A 137 15.04 -11.21 20.60
N GLY A 138 14.00 -10.37 20.55
CA GLY A 138 14.04 -9.18 19.74
C GLY A 138 13.51 -9.37 18.33
N GLU A 139 12.97 -10.54 18.05
CA GLU A 139 12.39 -10.86 16.75
C GLU A 139 10.92 -10.49 16.73
N TYR A 140 10.42 -10.03 15.58
CA TYR A 140 9.00 -9.77 15.47
C TYR A 140 8.24 -11.09 15.61
N ASP A 141 7.19 -11.07 16.43
CA ASP A 141 6.42 -12.28 16.75
C ASP A 141 4.96 -12.02 16.39
N TYR A 142 4.47 -12.75 15.40
CA TYR A 142 3.10 -12.57 14.91
C TYR A 142 2.19 -13.70 15.37
N ASP A 143 2.65 -14.49 16.32
CA ASP A 143 1.92 -15.67 16.77
C ASP A 143 1.27 -15.51 18.14
N ASP A 144 1.82 -14.60 18.94
CA ASP A 144 1.40 -14.43 20.34
C ASP A 144 0.34 -13.33 20.47
N PRO A 145 -0.89 -13.70 20.83
CA PRO A 145 -1.97 -12.70 20.90
C PRO A 145 -1.78 -11.70 22.04
N ASP A 146 -1.12 -12.10 23.11
CA ASP A 146 -0.89 -11.20 24.24
C ASP A 146 0.18 -10.16 23.92
N LEU A 147 1.23 -10.56 23.19
CA LEU A 147 2.23 -9.60 22.72
C LEU A 147 1.58 -8.62 21.76
N ALA A 148 0.70 -9.12 20.88
CA ALA A 148 -0.03 -8.25 19.97
C ALA A 148 -0.88 -7.24 20.76
N ALA A 149 -1.58 -7.72 21.78
CA ALA A 149 -2.44 -6.87 22.57
C ALA A 149 -1.63 -5.78 23.28
N GLU A 150 -0.48 -6.16 23.85
CA GLU A 150 0.39 -5.21 24.52
C GLU A 150 0.87 -4.14 23.55
N CYS A 151 1.25 -4.58 22.34
CA CYS A 151 1.69 -3.67 21.30
C CYS A 151 0.57 -2.72 20.89
N ALA A 152 -0.64 -3.26 20.74
CA ALA A 152 -1.79 -2.42 20.41
C ALA A 152 -2.01 -1.34 21.46
N ALA A 153 -1.92 -1.71 22.74
CA ALA A 153 -2.09 -0.76 23.83
C ALA A 153 -1.05 0.35 23.76
N GLU A 154 0.20 0.00 23.44
CA GLU A 154 1.25 1.02 23.30
C GLU A 154 0.98 1.94 22.11
N ASN A 155 0.48 1.38 21.02
CA ASN A 155 0.12 2.20 19.87
C ASN A 155 -1.00 3.18 20.19
N VAL A 156 -1.98 2.74 20.99
CA VAL A 156 -3.03 3.64 21.45
C VAL A 156 -2.46 4.79 22.29
N LYS A 157 -1.47 4.52 23.13
CA LYS A 157 -0.81 5.57 23.91
C LYS A 157 -0.13 6.60 23.01
N LEU A 158 0.38 6.15 21.86
CA LEU A 158 0.99 7.06 20.89
C LEU A 158 -0.05 7.92 20.21
N GLY A 159 -1.30 7.47 20.21
CA GLY A 159 -2.39 8.21 19.59
C GLY A 159 -3.08 7.52 18.43
N PHE A 160 -2.61 6.32 18.06
CA PHE A 160 -3.25 5.58 16.97
C PHE A 160 -4.70 5.25 17.31
N THR A 161 -5.56 5.35 16.31
CA THR A 161 -6.99 5.06 16.44
C THR A 161 -7.40 3.81 15.67
N ALA A 162 -6.42 3.06 15.16
CA ALA A 162 -6.67 1.79 14.49
C ALA A 162 -5.37 1.01 14.44
N VAL A 163 -5.46 -0.32 14.51
CA VAL A 163 -4.28 -1.17 14.44
C VAL A 163 -4.60 -2.38 13.58
N LYS A 164 -3.60 -2.91 12.87
CA LYS A 164 -3.80 -4.02 11.95
C LYS A 164 -2.93 -5.22 12.32
N PHE A 165 -3.44 -6.43 12.07
CA PHE A 165 -2.71 -7.66 12.38
C PHE A 165 -3.27 -8.79 11.52
N ASP A 166 -2.44 -9.79 11.21
CA ASP A 166 -2.89 -10.94 10.44
C ASP A 166 -2.51 -12.26 11.13
N PRO A 167 -3.44 -12.83 11.90
CA PRO A 167 -3.20 -14.08 12.61
C PRO A 167 -3.62 -15.33 11.83
N ALA A 168 -3.88 -15.18 10.53
CA ALA A 168 -4.53 -16.24 9.75
C ALA A 168 -3.58 -17.21 9.05
N GLY A 169 -2.30 -17.20 9.42
CA GLY A 169 -1.38 -18.21 8.91
C GLY A 169 -0.83 -17.88 7.53
N PRO A 170 -0.05 -18.80 6.97
CA PRO A 170 0.63 -18.52 5.70
C PRO A 170 -0.32 -18.28 4.53
N TYR A 171 0.09 -17.38 3.66
CA TYR A 171 -0.51 -17.25 2.35
C TYR A 171 0.46 -17.86 1.36
N THR A 172 -0.03 -18.75 0.50
CA THR A 172 0.85 -19.57 -0.31
C THR A 172 0.49 -19.48 -1.77
N ALA A 173 1.33 -20.07 -2.62
CA ALA A 173 1.08 -20.12 -4.05
C ALA A 173 -0.20 -20.87 -4.41
N TYR A 174 -0.73 -21.65 -3.46
CA TYR A 174 -1.92 -22.46 -3.71
C TYR A 174 -3.16 -21.91 -3.01
N SER A 175 -3.02 -20.78 -2.34
CA SER A 175 -4.20 -20.10 -1.80
C SER A 175 -5.16 -19.77 -2.94
N GLY A 176 -6.46 -19.73 -2.69
CA GLY A 176 -7.05 -19.85 -1.36
C GLY A 176 -7.15 -21.27 -0.83
N HIS A 177 -7.17 -21.38 0.49
CA HIS A 177 -7.35 -22.66 1.16
C HIS A 177 -8.38 -22.51 2.30
N GLN A 178 -8.62 -23.59 3.02
CA GLN A 178 -9.64 -23.61 4.06
C GLN A 178 -8.95 -23.64 5.43
N LEU A 179 -9.05 -22.54 6.17
CA LEU A 179 -8.36 -22.45 7.47
C LEU A 179 -8.82 -23.53 8.44
N SER A 180 -7.87 -24.09 9.18
CA SER A 180 -8.19 -25.09 10.19
C SER A 180 -8.92 -24.45 11.37
N LEU A 181 -9.57 -25.29 12.17
CA LEU A 181 -10.21 -24.82 13.40
C LEU A 181 -9.23 -24.14 14.34
N GLU A 182 -8.02 -24.68 14.47
CA GLU A 182 -7.04 -24.06 15.35
C GLU A 182 -6.66 -22.66 14.88
N VAL A 183 -6.56 -22.47 13.56
CA VAL A 183 -6.25 -21.14 13.04
C VAL A 183 -7.45 -20.21 13.21
N LEU A 184 -8.66 -20.71 12.95
CA LEU A 184 -9.85 -19.91 13.19
C LEU A 184 -9.93 -19.48 14.65
N ASP A 185 -9.65 -20.40 15.56
CA ASP A 185 -9.63 -20.08 16.99
C ASP A 185 -8.61 -18.98 17.30
N ARG A 186 -7.44 -19.08 16.69
CA ARG A 186 -6.38 -18.11 16.94
C ARG A 186 -6.77 -16.74 16.43
N CYS A 187 -7.42 -16.69 15.28
CA CYS A 187 -7.88 -15.42 14.71
C CYS A 187 -8.84 -14.72 15.66
N GLU A 188 -9.77 -15.50 16.20
CA GLU A 188 -10.75 -15.00 17.14
C GLU A 188 -10.07 -14.52 18.42
N LEU A 189 -9.10 -15.29 18.91
CA LEU A 189 -8.38 -14.96 20.14
C LEU A 189 -7.57 -13.67 20.01
N PHE A 190 -6.93 -13.46 18.86
CA PHE A 190 -6.23 -12.21 18.62
C PHE A 190 -7.19 -11.04 18.72
N CYS A 191 -8.35 -11.16 18.07
CA CYS A 191 -9.33 -10.08 18.13
C CYS A 191 -9.79 -9.84 19.56
N ARG A 192 -10.04 -10.91 20.30
CA ARG A 192 -10.50 -10.80 21.67
C ARG A 192 -9.48 -10.06 22.53
N ARG A 193 -8.22 -10.49 22.45
N ARG A 193 -8.22 -10.48 22.45
CA ARG A 193 -7.17 -9.90 23.27
CA ARG A 193 -7.18 -9.88 23.29
C ARG A 193 -6.85 -8.47 22.89
C ARG A 193 -6.88 -8.44 22.89
N VAL A 194 -6.80 -8.19 21.59
CA VAL A 194 -6.52 -6.83 21.13
C VAL A 194 -7.69 -5.90 21.50
N ARG A 195 -8.92 -6.34 21.29
CA ARG A 195 -10.09 -5.55 21.70
C ARG A 195 -10.04 -5.24 23.20
N GLU A 196 -9.69 -6.24 24.02
CA GLU A 196 -9.59 -6.02 25.47
C GLU A 196 -8.57 -4.92 25.78
N ALA A 197 -7.47 -4.92 25.03
CA ALA A 197 -6.38 -3.98 25.27
C ALA A 197 -6.70 -2.56 24.81
N VAL A 198 -7.47 -2.40 23.73
CA VAL A 198 -7.72 -1.08 23.17
C VAL A 198 -9.11 -0.53 23.47
N GLY A 199 -10.02 -1.39 23.89
CA GLY A 199 -11.40 -0.99 24.10
C GLY A 199 -11.98 -0.30 22.88
N SER A 200 -12.63 0.84 23.08
CA SER A 200 -13.19 1.59 21.97
C SER A 200 -12.27 2.70 21.47
N LYS A 201 -11.01 2.67 21.90
CA LYS A 201 -10.06 3.70 21.50
C LYS A 201 -9.45 3.46 20.13
N ALA A 202 -9.51 2.23 19.64
CA ALA A 202 -8.94 1.92 18.33
C ALA A 202 -9.75 0.85 17.63
N ASP A 203 -9.97 1.07 16.34
CA ASP A 203 -10.55 0.03 15.51
C ASP A 203 -9.59 -1.12 15.27
N LEU A 204 -10.15 -2.32 15.11
CA LEU A 204 -9.39 -3.48 14.68
C LEU A 204 -9.46 -3.59 13.17
N LEU A 205 -8.30 -3.75 12.54
CA LEU A 205 -8.21 -3.98 11.11
C LEU A 205 -7.71 -5.39 10.93
N PHE A 206 -8.56 -6.26 10.40
CA PHE A 206 -8.16 -7.66 10.29
C PHE A 206 -7.43 -7.82 8.95
N GLY A 207 -6.11 -7.85 9.03
CA GLY A 207 -5.27 -7.63 7.86
C GLY A 207 -4.84 -8.86 7.10
N THR A 208 -5.81 -9.70 6.76
CA THR A 208 -5.54 -10.92 5.99
C THR A 208 -4.91 -10.62 4.62
N HIS A 209 -4.35 -11.67 4.03
CA HIS A 209 -3.55 -11.59 2.81
C HIS A 209 -4.08 -12.56 1.73
N GLY A 210 -5.39 -12.73 1.64
CA GLY A 210 -5.95 -13.61 0.64
C GLY A 210 -5.67 -15.09 0.86
N GLN A 211 -5.57 -15.51 2.12
CA GLN A 211 -5.28 -16.90 2.43
C GLN A 211 -6.41 -17.84 2.00
N MET A 212 -7.63 -17.33 1.97
CA MET A 212 -8.82 -18.16 2.01
C MET A 212 -9.59 -18.29 0.71
N VAL A 213 -10.24 -19.43 0.54
CA VAL A 213 -11.37 -19.52 -0.38
C VAL A 213 -12.57 -18.83 0.30
N PRO A 214 -13.55 -18.38 -0.50
CA PRO A 214 -14.68 -17.64 0.09
C PRO A 214 -15.42 -18.38 1.19
N SER A 215 -15.59 -19.70 1.08
CA SER A 215 -16.35 -20.41 2.10
C SER A 215 -15.62 -20.36 3.46
N SER A 216 -14.30 -20.35 3.43
CA SER A 216 -13.49 -20.25 4.63
C SER A 216 -13.51 -18.83 5.19
N ALA A 217 -13.39 -17.84 4.31
CA ALA A 217 -13.50 -16.44 4.72
C ALA A 217 -14.83 -16.15 5.40
N ILE A 218 -15.90 -16.75 4.91
CA ILE A 218 -17.21 -16.57 5.53
C ILE A 218 -17.27 -17.19 6.93
N ARG A 219 -16.74 -18.41 7.07
CA ARG A 219 -16.64 -19.04 8.40
C ARG A 219 -15.87 -18.14 9.37
N LEU A 220 -14.77 -17.56 8.89
CA LEU A 220 -13.95 -16.69 9.74
C LEU A 220 -14.71 -15.42 10.09
N ALA A 221 -15.36 -14.81 9.10
CA ALA A 221 -16.10 -13.57 9.35
C ALA A 221 -17.15 -13.74 10.44
N LYS A 222 -17.86 -14.86 10.44
CA LYS A 222 -18.90 -15.07 11.45
C LYS A 222 -18.32 -15.06 12.85
N ARG A 223 -17.10 -15.58 13.01
CA ARG A 223 -16.41 -15.57 14.29
C ARG A 223 -15.92 -14.19 14.71
N LEU A 224 -15.58 -13.37 13.73
CA LEU A 224 -14.99 -12.07 14.01
C LEU A 224 -16.02 -10.98 14.26
N GLU A 225 -17.26 -11.21 13.85
CA GLU A 225 -18.28 -10.17 13.93
C GLU A 225 -18.48 -9.63 15.35
N LYS A 226 -18.38 -10.49 16.35
CA LYS A 226 -18.61 -10.06 17.73
C LYS A 226 -17.57 -9.04 18.21
N TYR A 227 -16.46 -8.90 17.50
CA TYR A 227 -15.44 -7.91 17.88
C TYR A 227 -15.50 -6.65 17.03
N ASP A 228 -16.49 -6.57 16.14
CA ASP A 228 -16.75 -5.38 15.31
C ASP A 228 -15.50 -4.75 14.65
N PRO A 229 -14.74 -5.54 13.88
CA PRO A 229 -13.60 -4.95 13.18
C PRO A 229 -14.06 -3.93 12.15
N LEU A 230 -13.23 -2.91 11.95
CA LEU A 230 -13.50 -1.91 10.92
C LEU A 230 -13.42 -2.52 9.51
N TRP A 231 -12.52 -3.48 9.32
CA TRP A 231 -12.53 -4.21 8.06
C TRP A 231 -11.94 -5.59 8.13
N PHE A 232 -12.26 -6.37 7.10
CA PHE A 232 -11.73 -7.70 6.85
C PHE A 232 -11.03 -7.55 5.50
N GLU A 233 -9.70 -7.58 5.52
CA GLU A 233 -8.86 -7.24 4.37
C GLU A 233 -8.61 -8.45 3.48
N GLU A 234 -8.65 -8.26 2.16
CA GLU A 234 -8.28 -9.32 1.20
C GLU A 234 -8.71 -10.71 1.65
N PRO A 235 -10.02 -10.95 1.80
CA PRO A 235 -10.42 -12.25 2.35
C PRO A 235 -10.09 -13.41 1.41
N VAL A 236 -9.99 -13.15 0.12
CA VAL A 236 -9.70 -14.17 -0.87
C VAL A 236 -8.65 -13.61 -1.84
N PRO A 237 -8.02 -14.47 -2.65
CA PRO A 237 -7.04 -13.94 -3.60
C PRO A 237 -7.67 -12.97 -4.60
N PRO A 238 -6.88 -12.02 -5.10
CA PRO A 238 -7.37 -11.03 -6.06
C PRO A 238 -7.68 -11.67 -7.40
N GLY A 239 -8.43 -10.96 -8.24
CA GLY A 239 -8.67 -11.43 -9.60
C GLY A 239 -9.98 -12.13 -9.84
N GLN A 240 -10.84 -12.19 -8.83
CA GLN A 240 -12.13 -12.85 -8.97
C GLN A 240 -13.14 -12.06 -8.13
N GLU A 241 -13.87 -11.17 -8.79
CA GLU A 241 -14.69 -10.19 -8.09
C GLU A 241 -15.96 -10.80 -7.52
N GLU A 242 -16.49 -11.83 -8.16
CA GLU A 242 -17.68 -12.48 -7.65
C GLU A 242 -17.38 -13.22 -6.35
N ALA A 243 -16.19 -13.79 -6.25
CA ALA A 243 -15.81 -14.54 -5.06
C ALA A 243 -15.66 -13.63 -3.85
N ILE A 244 -15.00 -12.48 -4.03
CA ILE A 244 -14.86 -11.58 -2.90
C ILE A 244 -16.21 -10.95 -2.54
N ALA A 245 -17.06 -10.70 -3.53
CA ALA A 245 -18.41 -10.20 -3.27
C ALA A 245 -19.25 -11.20 -2.48
N GLN A 246 -19.03 -12.48 -2.69
N GLN A 246 -19.03 -12.49 -2.65
CA GLN A 246 -19.73 -13.51 -1.92
CA GLN A 246 -19.80 -13.45 -1.87
C GLN A 246 -19.43 -13.36 -0.42
C GLN A 246 -19.44 -13.35 -0.40
N VAL A 247 -18.18 -13.04 -0.09
CA VAL A 247 -17.81 -12.83 1.31
C VAL A 247 -18.55 -11.60 1.84
N ALA A 248 -18.51 -10.50 1.08
CA ALA A 248 -19.17 -9.27 1.50
C ALA A 248 -20.67 -9.48 1.76
N LYS A 249 -21.31 -10.30 0.92
CA LYS A 249 -22.73 -10.55 1.06
C LYS A 249 -23.08 -11.29 2.35
N HIS A 250 -22.11 -12.04 2.88
CA HIS A 250 -22.36 -12.93 4.01
C HIS A 250 -21.79 -12.44 5.33
N THR A 251 -21.30 -11.21 5.37
CA THR A 251 -20.85 -10.61 6.62
C THR A 251 -21.18 -9.13 6.69
N SER A 252 -21.39 -8.66 7.92
CA SER A 252 -21.58 -7.25 8.20
C SER A 252 -20.26 -6.50 8.35
N ILE A 253 -19.15 -7.23 8.43
CA ILE A 253 -17.84 -6.56 8.53
C ILE A 253 -17.49 -5.98 7.17
N PRO A 254 -17.12 -4.69 7.12
CA PRO A 254 -16.72 -4.12 5.82
C PRO A 254 -15.57 -4.89 5.18
N ILE A 255 -15.67 -5.16 3.88
CA ILE A 255 -14.55 -5.77 3.15
C ILE A 255 -13.68 -4.68 2.56
N ALA A 256 -12.37 -4.78 2.85
CA ALA A 256 -11.38 -3.88 2.28
C ALA A 256 -10.46 -4.68 1.37
N THR A 257 -10.14 -4.13 0.21
CA THR A 257 -9.19 -4.78 -0.65
C THR A 257 -8.61 -3.80 -1.66
N GLY A 258 -7.57 -4.22 -2.37
CA GLY A 258 -7.11 -3.43 -3.49
C GLY A 258 -5.62 -3.30 -3.68
N GLU A 259 -4.82 -3.73 -2.70
CA GLU A 259 -3.39 -3.50 -2.81
C GLU A 259 -2.75 -4.28 -3.95
N ARG A 260 -3.45 -5.30 -4.45
CA ARG A 260 -2.94 -6.10 -5.56
C ARG A 260 -3.72 -5.86 -6.85
N LEU A 261 -4.55 -4.82 -6.87
CA LEU A 261 -5.29 -4.43 -8.07
C LEU A 261 -4.65 -3.21 -8.70
N THR A 262 -4.94 -2.99 -9.98
CA THR A 262 -4.34 -1.87 -10.69
C THR A 262 -5.30 -1.33 -11.74
N THR A 263 -5.26 -0.01 -11.94
CA THR A 263 -6.11 0.76 -12.86
C THR A 263 -7.56 0.88 -12.45
N LYS A 264 -8.20 1.93 -12.95
CA LYS A 264 -9.61 2.16 -12.72
C LYS A 264 -10.47 1.03 -13.28
N TYR A 265 -9.99 0.32 -14.30
CA TYR A 265 -10.78 -0.75 -14.90
C TYR A 265 -10.98 -1.92 -13.95
N GLU A 266 -9.95 -2.26 -13.18
CA GLU A 266 -10.06 -3.34 -12.21
C GLU A 266 -10.91 -2.94 -11.01
N PHE A 267 -10.74 -1.72 -10.53
CA PHE A 267 -11.57 -1.25 -9.43
C PHE A 267 -13.03 -1.11 -9.84
N HIS A 268 -13.30 -0.73 -11.07
CA HIS A 268 -14.66 -0.71 -11.59
C HIS A 268 -15.30 -2.10 -11.48
N LYS A 269 -14.60 -3.12 -11.96
CA LYS A 269 -15.13 -4.48 -11.90
C LYS A 269 -15.43 -4.89 -10.46
N LEU A 270 -14.51 -4.56 -9.56
CA LEU A 270 -14.68 -4.87 -8.15
C LEU A 270 -15.93 -4.20 -7.56
N LEU A 271 -16.07 -2.91 -7.81
CA LEU A 271 -17.21 -2.16 -7.27
C LEU A 271 -18.53 -2.59 -7.89
N GLN A 272 -18.53 -2.89 -9.19
CA GLN A 272 -19.74 -3.36 -9.87
C GLN A 272 -20.26 -4.63 -9.24
N ALA A 273 -19.35 -5.49 -8.78
CA ALA A 273 -19.71 -6.76 -8.16
C ALA A 273 -20.17 -6.61 -6.71
N GLY A 274 -19.94 -5.45 -6.11
CA GLY A 274 -20.17 -5.26 -4.68
C GLY A 274 -19.07 -5.95 -3.86
N GLY A 275 -17.88 -6.01 -4.42
CA GLY A 275 -16.79 -6.77 -3.83
C GLY A 275 -16.11 -6.17 -2.61
N ALA A 276 -16.17 -4.85 -2.45
CA ALA A 276 -15.54 -4.19 -1.31
C ALA A 276 -16.12 -2.80 -1.14
N SER A 277 -16.06 -2.29 0.09
CA SER A 277 -16.53 -0.93 0.38
C SER A 277 -15.40 -0.01 0.80
N ILE A 278 -14.19 -0.57 0.92
CA ILE A 278 -13.01 0.19 1.31
C ILE A 278 -11.91 -0.21 0.34
N LEU A 279 -11.40 0.75 -0.43
CA LEU A 279 -10.42 0.47 -1.47
C LEU A 279 -9.02 0.82 -1.04
N GLN A 280 -8.16 -0.20 -1.03
CA GLN A 280 -6.79 -0.09 -0.55
C GLN A 280 -5.81 0.01 -1.71
N LEU A 281 -6.06 0.96 -2.60
CA LEU A 281 -5.14 1.22 -3.69
C LEU A 281 -3.75 1.59 -3.15
N ASN A 282 -2.72 1.18 -3.88
CA ASN A 282 -1.38 1.68 -3.63
C ASN A 282 -1.04 2.58 -4.82
N VAL A 283 -0.76 3.85 -4.53
N VAL A 283 -0.77 3.85 -4.54
CA VAL A 283 -0.55 4.84 -5.60
CA VAL A 283 -0.55 4.84 -5.60
C VAL A 283 0.65 4.50 -6.47
C VAL A 283 0.63 4.46 -6.50
N ALA A 284 1.56 3.68 -5.95
CA ALA A 284 2.74 3.25 -6.69
C ALA A 284 2.51 1.98 -7.53
N ARG A 285 1.28 1.47 -7.51
CA ARG A 285 0.90 0.31 -8.32
C ARG A 285 -0.25 0.59 -9.30
N VAL A 286 -1.19 1.47 -8.92
CA VAL A 286 -2.44 1.55 -9.69
C VAL A 286 -2.35 2.31 -11.01
N GLY A 287 -1.25 3.04 -11.22
CA GLY A 287 -1.09 3.82 -12.43
C GLY A 287 -0.67 5.26 -12.20
N GLY A 288 -0.50 5.64 -10.93
CA GLY A 288 -0.07 6.99 -10.59
C GLY A 288 -1.16 7.78 -9.89
N LEU A 289 -0.90 9.08 -9.68
CA LEU A 289 -1.81 9.90 -8.90
C LEU A 289 -3.11 10.23 -9.62
N LEU A 290 -3.06 10.52 -10.92
CA LEU A 290 -4.30 10.79 -11.63
C LEU A 290 -5.16 9.53 -11.71
N GLU A 291 -4.56 8.39 -12.02
CA GLU A 291 -5.31 7.14 -12.02
C GLU A 291 -5.88 6.83 -10.63
N ALA A 292 -5.11 7.12 -9.58
CA ALA A 292 -5.61 6.92 -8.22
C ALA A 292 -6.80 7.84 -7.92
N LYS A 293 -6.72 9.09 -8.38
CA LYS A 293 -7.84 10.01 -8.25
C LYS A 293 -9.08 9.48 -8.97
N LYS A 294 -8.87 8.86 -10.13
CA LYS A 294 -9.98 8.27 -10.87
C LYS A 294 -10.60 7.11 -10.10
N ILE A 295 -9.76 6.29 -9.47
CA ILE A 295 -10.26 5.20 -8.64
C ILE A 295 -11.05 5.75 -7.44
N ALA A 296 -10.54 6.80 -6.81
CA ALA A 296 -11.27 7.43 -5.70
C ALA A 296 -12.63 7.94 -6.15
N THR A 297 -12.71 8.45 -7.38
CA THR A 297 -13.95 8.90 -7.98
C THR A 297 -14.96 7.76 -8.14
N LEU A 298 -14.51 6.61 -8.63
CA LEU A 298 -15.36 5.44 -8.71
C LEU A 298 -15.89 5.09 -7.32
N ALA A 299 -15.01 5.15 -6.33
CA ALA A 299 -15.46 4.86 -4.98
C ALA A 299 -16.55 5.83 -4.54
N GLU A 300 -16.39 7.13 -4.87
CA GLU A 300 -17.39 8.12 -4.45
C GLU A 300 -18.79 7.76 -4.91
N VAL A 301 -18.92 7.34 -6.18
CA VAL A 301 -20.26 7.12 -6.71
C VAL A 301 -20.90 5.85 -6.17
N HIS A 302 -20.09 4.97 -5.60
CA HIS A 302 -20.58 3.77 -4.91
C HIS A 302 -20.70 3.96 -3.40
N TYR A 303 -20.43 5.19 -2.93
CA TYR A 303 -20.36 5.49 -1.49
C TYR A 303 -19.35 4.58 -0.77
N ALA A 304 -18.27 4.24 -1.48
CA ALA A 304 -17.15 3.52 -0.89
C ALA A 304 -16.09 4.52 -0.44
N GLN A 305 -15.15 4.06 0.36
CA GLN A 305 -14.08 4.91 0.87
C GLN A 305 -12.73 4.42 0.39
N ILE A 306 -11.74 5.29 0.43
N ILE A 306 -11.73 5.28 0.55
CA ILE A 306 -10.37 4.85 0.14
CA ILE A 306 -10.36 4.99 0.17
C ILE A 306 -9.52 4.82 1.40
C ILE A 306 -9.48 4.86 1.42
N ALA A 307 -8.68 3.81 1.46
CA ALA A 307 -7.75 3.62 2.57
C ALA A 307 -6.45 3.13 1.96
N PRO A 308 -5.63 4.06 1.45
CA PRO A 308 -4.49 3.62 0.64
C PRO A 308 -3.51 2.72 1.39
N HIS A 309 -3.04 1.72 0.66
CA HIS A 309 -2.08 0.75 1.15
C HIS A 309 -0.67 1.33 1.11
N LEU A 310 0.15 0.91 2.07
CA LEU A 310 1.54 1.31 2.06
C LEU A 310 2.40 0.22 2.69
N TYR A 311 3.25 -0.42 1.88
CA TYR A 311 4.26 -1.33 2.39
C TYR A 311 5.50 -1.14 1.54
N ASN A 312 6.09 0.04 1.66
CA ASN A 312 7.15 0.47 0.77
C ASN A 312 7.73 1.76 1.34
N GLY A 313 8.44 2.53 0.51
CA GLY A 313 9.22 3.66 0.98
C GLY A 313 8.44 4.95 1.20
N PRO A 314 9.16 5.99 1.65
CA PRO A 314 8.50 7.26 1.99
C PRO A 314 8.11 8.09 0.77
N VAL A 315 8.63 7.77 -0.40
CA VAL A 315 8.25 8.52 -1.60
C VAL A 315 6.83 8.11 -2.03
N GLY A 316 6.58 6.81 -2.11
CA GLY A 316 5.22 6.34 -2.34
C GLY A 316 4.28 6.80 -1.24
N ALA A 317 4.75 6.83 0.00
CA ALA A 317 3.93 7.33 1.09
C ALA A 317 3.58 8.81 0.89
N ALA A 318 4.57 9.60 0.50
CA ALA A 318 4.32 11.01 0.23
C ALA A 318 3.26 11.20 -0.85
N ALA A 319 3.34 10.42 -1.92
CA ALA A 319 2.35 10.50 -2.99
C ALA A 319 0.96 10.11 -2.46
N SER A 320 0.92 9.08 -1.63
N SER A 320 0.89 9.08 -1.63
CA SER A 320 -0.32 8.62 -1.04
CA SER A 320 -0.37 8.64 -1.05
C SER A 320 -0.97 9.71 -0.20
C SER A 320 -0.99 9.75 -0.22
N ILE A 321 -0.13 10.42 0.56
CA ILE A 321 -0.58 11.53 1.39
C ILE A 321 -1.14 12.65 0.53
N GLN A 322 -0.51 12.93 -0.61
CA GLN A 322 -1.03 13.94 -1.52
C GLN A 322 -2.45 13.60 -1.98
N LEU A 323 -2.67 12.35 -2.38
CA LEU A 323 -4.01 11.92 -2.78
C LEU A 323 -4.98 12.05 -1.61
N ALA A 324 -4.61 11.53 -0.45
CA ALA A 324 -5.52 11.49 0.69
C ALA A 324 -5.98 12.90 1.07
N THR A 325 -5.07 13.86 1.03
CA THR A 325 -5.32 15.21 1.50
C THR A 325 -6.46 15.88 0.71
N CYS A 326 -6.62 15.50 -0.55
CA CYS A 326 -7.64 16.11 -1.42
C CYS A 326 -8.80 15.16 -1.76
N THR A 327 -8.99 14.12 -0.95
CA THR A 327 -10.00 13.09 -1.21
C THR A 327 -11.15 13.19 -0.21
N PRO A 328 -12.38 13.43 -0.68
CA PRO A 328 -13.48 13.61 0.26
C PRO A 328 -13.94 12.31 0.93
N ASN A 329 -13.73 11.19 0.28
CA ASN A 329 -14.14 9.89 0.81
C ASN A 329 -12.95 9.10 1.36
N PHE A 330 -12.07 9.82 2.03
CA PHE A 330 -10.89 9.23 2.64
C PHE A 330 -11.24 8.64 4.02
N LEU A 331 -10.84 7.40 4.25
CA LEU A 331 -11.05 6.75 5.56
C LEU A 331 -9.82 6.83 6.46
N ILE A 332 -8.69 6.32 5.99
CA ILE A 332 -7.50 6.19 6.83
C ILE A 332 -6.30 5.87 5.94
N GLN A 333 -5.10 6.23 6.40
CA GLN A 333 -3.89 6.00 5.63
C GLN A 333 -2.97 5.04 6.37
N GLU A 334 -2.56 3.98 5.68
CA GLU A 334 -1.62 3.05 6.28
C GLU A 334 -0.30 3.73 6.54
N SER A 335 0.20 3.57 7.76
N SER A 335 0.20 3.57 7.75
CA SER A 335 1.49 4.09 8.15
CA SER A 335 1.51 4.08 8.12
C SER A 335 2.39 2.95 8.60
C SER A 335 2.39 2.93 8.58
N ILE A 336 3.68 3.06 8.31
CA ILE A 336 4.63 2.06 8.79
C ILE A 336 5.16 2.58 10.11
N MET A 337 4.58 2.08 11.19
CA MET A 337 4.79 2.64 12.53
C MET A 337 4.56 4.15 12.48
N THR A 338 5.51 4.96 12.95
CA THR A 338 5.31 6.41 12.91
C THR A 338 6.27 7.11 11.94
N TRP A 339 6.69 6.39 10.92
CA TRP A 339 7.53 6.92 9.83
C TRP A 339 8.93 7.32 10.27
N GLY A 340 9.41 6.72 11.36
CA GLY A 340 10.78 6.94 11.80
C GLY A 340 11.71 5.94 11.13
N GLY A 341 12.83 5.65 11.79
CA GLY A 341 13.75 4.66 11.29
C GLY A 341 14.26 4.97 9.89
N PHE A 342 14.37 3.93 9.07
CA PHE A 342 14.93 4.10 7.74
C PHE A 342 14.03 4.94 6.84
N HIS A 343 12.73 4.95 7.09
CA HIS A 343 11.81 5.82 6.34
C HIS A 343 12.15 7.29 6.51
N ALA A 344 12.69 7.66 7.66
CA ALA A 344 13.08 9.04 7.90
C ALA A 344 14.51 9.26 7.38
N GLU A 345 15.36 8.26 7.55
CA GLU A 345 16.78 8.41 7.21
C GLU A 345 17.00 8.64 5.71
N VAL A 346 16.18 8.01 4.88
CA VAL A 346 16.40 8.02 3.44
C VAL A 346 15.91 9.30 2.74
N VAL A 347 15.24 10.17 3.49
CA VAL A 347 14.76 11.43 2.92
C VAL A 347 15.31 12.65 3.65
N LYS A 348 15.27 13.81 2.99
CA LYS A 348 15.79 15.05 3.56
C LYS A 348 14.89 15.59 4.66
N THR A 349 13.58 15.51 4.44
CA THR A 349 12.59 15.96 5.40
C THR A 349 11.59 14.83 5.63
N PRO A 350 11.64 14.18 6.79
CA PRO A 350 10.74 13.05 7.04
C PRO A 350 9.26 13.39 7.07
N ILE A 351 8.44 12.37 6.81
CA ILE A 351 6.99 12.49 6.93
C ILE A 351 6.66 12.77 8.39
N ARG A 352 5.75 13.71 8.60
CA ARG A 352 5.38 14.14 9.94
C ARG A 352 4.16 13.39 10.48
N TRP A 353 4.30 12.84 11.67
CA TRP A 353 3.26 12.04 12.31
C TRP A 353 3.09 12.54 13.74
N GLU A 354 1.85 12.82 14.14
CA GLU A 354 1.56 13.30 15.49
C GLU A 354 0.25 12.77 16.00
N ASP A 355 0.28 12.15 17.17
CA ASP A 355 -0.92 11.76 17.91
C ASP A 355 -1.94 11.01 17.03
N GLY A 356 -1.46 10.08 16.21
CA GLY A 356 -2.35 9.27 15.41
C GLY A 356 -2.57 9.74 13.99
N TYR A 357 -2.05 10.92 13.65
CA TYR A 357 -2.31 11.51 12.34
C TYR A 357 -1.06 11.85 11.57
N ILE A 358 -1.14 11.73 10.25
CA ILE A 358 -0.11 12.25 9.39
C ILE A 358 -0.42 13.72 9.09
N ILE A 359 0.61 14.57 9.17
CA ILE A 359 0.44 15.98 8.86
C ILE A 359 1.03 16.25 7.47
N PRO A 360 0.18 16.52 6.47
CA PRO A 360 0.69 16.70 5.11
C PRO A 360 1.67 17.86 4.96
N SER A 361 2.66 17.68 4.11
CA SER A 361 3.61 18.74 3.79
C SER A 361 2.89 19.93 3.13
N ASN A 362 3.43 21.13 3.34
CA ASN A 362 2.98 22.33 2.64
C ASN A 362 3.92 22.70 1.50
N GLU A 363 4.94 21.87 1.27
CA GLU A 363 5.94 22.14 0.25
C GLU A 363 5.43 21.78 -1.14
N PRO A 364 6.01 22.42 -2.19
CA PRO A 364 5.56 22.13 -3.55
C PRO A 364 5.83 20.69 -3.97
N GLY A 365 5.03 20.20 -4.91
CA GLY A 365 5.20 18.85 -5.43
C GLY A 365 4.71 17.80 -4.45
N LEU A 366 5.45 16.70 -4.34
CA LEU A 366 5.07 15.63 -3.43
C LEU A 366 5.48 15.91 -1.99
N GLY A 367 6.26 16.97 -1.77
CA GLY A 367 6.76 17.27 -0.44
C GLY A 367 7.72 16.21 0.10
N ILE A 368 8.58 15.70 -0.79
CA ILE A 368 9.52 14.65 -0.39
C ILE A 368 10.77 14.73 -1.26
N GLU A 369 11.92 14.35 -0.71
CA GLU A 369 13.17 14.36 -1.46
C GLU A 369 14.13 13.35 -0.87
N LEU A 370 14.72 12.53 -1.72
CA LEU A 370 15.68 11.53 -1.24
C LEU A 370 16.98 12.18 -0.78
N ASP A 371 17.54 11.63 0.30
CA ASP A 371 18.89 11.96 0.72
C ASP A 371 19.82 11.04 -0.05
N MET A 372 20.48 11.57 -1.08
CA MET A 372 21.25 10.74 -2.00
C MET A 372 22.48 10.11 -1.36
N ASP A 373 23.03 10.74 -0.32
CA ASP A 373 24.16 10.14 0.36
C ASP A 373 23.73 8.86 1.07
N VAL A 374 22.55 8.88 1.69
CA VAL A 374 22.00 7.69 2.33
C VAL A 374 21.63 6.64 1.29
N VAL A 375 20.98 7.07 0.22
CA VAL A 375 20.64 6.17 -0.89
C VAL A 375 21.88 5.43 -1.40
N LYS A 376 22.95 6.17 -1.66
CA LYS A 376 24.17 5.57 -2.19
C LYS A 376 24.76 4.51 -1.26
N ARG A 377 24.67 4.76 0.06
CA ARG A 377 25.21 3.82 1.04
C ARG A 377 24.36 2.55 1.16
N HIS A 378 23.14 2.58 0.65
CA HIS A 378 22.24 1.42 0.78
C HIS A 378 21.87 0.83 -0.58
N THR A 379 22.73 1.07 -1.56
CA THR A 379 22.64 0.44 -2.87
C THR A 379 24.01 -0.19 -3.13
N PRO A 380 24.04 -1.36 -3.80
CA PRO A 380 22.90 -2.08 -4.37
C PRO A 380 22.27 -3.09 -3.40
N TYR A 381 21.05 -3.50 -3.70
CA TYR A 381 20.43 -4.62 -3.00
C TYR A 381 21.04 -5.91 -3.55
N THR A 382 21.48 -6.80 -2.65
CA THR A 382 22.13 -8.03 -3.08
C THR A 382 21.38 -9.25 -2.55
N GLY A 383 20.19 -9.01 -2.04
CA GLY A 383 19.39 -10.07 -1.46
C GLY A 383 18.80 -11.01 -2.50
N GLU A 384 18.50 -12.21 -2.04
CA GLU A 384 17.94 -13.27 -2.87
C GLU A 384 16.43 -13.13 -3.09
N ARG A 385 15.76 -12.44 -2.16
CA ARG A 385 14.31 -12.43 -2.13
C ARG A 385 13.67 -11.29 -2.91
N LEU A 386 12.42 -11.49 -3.30
CA LEU A 386 11.59 -10.42 -3.83
C LEU A 386 11.13 -9.52 -2.68
N HIS A 387 10.53 -8.37 -3.01
CA HIS A 387 10.10 -7.44 -1.97
C HIS A 387 9.19 -8.11 -0.95
N LEU A 388 8.26 -8.93 -1.45
CA LEU A 388 7.40 -9.79 -0.66
C LEU A 388 7.33 -11.11 -1.42
N GLN A 389 7.03 -12.21 -0.73
CA GLN A 389 6.86 -13.50 -1.39
C GLN A 389 5.71 -14.28 -0.78
N MET A 390 5.17 -15.23 -1.54
CA MET A 390 4.16 -16.15 -1.01
C MET A 390 4.82 -17.47 -0.67
N GLY A 391 4.23 -18.21 0.27
CA GLY A 391 4.73 -19.51 0.65
C GLY A 391 4.80 -20.45 -0.53
N GLU A 392 5.83 -21.28 -0.58
CA GLU A 392 6.02 -22.17 -1.72
C GLU A 392 5.10 -23.40 -1.69
N HIS A 393 4.78 -23.90 -0.50
CA HIS A 393 4.02 -25.14 -0.39
C HIS A 393 2.61 -24.91 0.14
N PRO A 394 1.68 -25.81 -0.20
CA PRO A 394 0.32 -25.65 0.35
C PRO A 394 0.37 -25.76 1.87
N VAL A 395 -0.53 -25.04 2.54
N VAL A 395 -0.50 -25.03 2.56
CA VAL A 395 -0.67 -25.13 4.00
CA VAL A 395 -0.56 -25.14 4.00
C VAL A 395 -1.14 -26.52 4.40
C VAL A 395 -1.09 -26.53 4.39
N ASP A 396 -0.52 -27.07 5.45
CA ASP A 396 -0.98 -28.35 6.00
C ASP A 396 -1.93 -27.99 7.14
N VAL A 397 -3.03 -28.74 7.26
CA VAL A 397 -4.06 -28.43 8.25
C VAL A 397 -3.53 -28.47 9.68
N LYS A 398 -2.47 -29.25 9.91
CA LYS A 398 -1.89 -29.37 11.24
C LYS A 398 -0.87 -28.27 11.56
N ASP A 399 -0.54 -27.45 10.56
CA ASP A 399 0.48 -26.41 10.73
C ASP A 399 -0.07 -25.15 11.38
N LEU A 400 0.70 -24.57 12.30
CA LEU A 400 0.28 -23.36 13.01
C LEU A 400 1.23 -22.18 12.79
N ALA A 401 1.97 -22.21 11.69
CA ALA A 401 2.90 -21.14 11.35
C ALA A 401 2.18 -19.81 11.11
N PRO A 402 2.86 -18.69 11.42
CA PRO A 402 2.26 -17.37 11.18
C PRO A 402 2.30 -16.94 9.71
N ALA A 403 1.49 -15.95 9.37
CA ALA A 403 1.49 -15.36 8.03
C ALA A 403 2.85 -14.74 7.72
#